data_3LGP
#
_entry.id   3LGP
#
_cell.length_a   73.344
_cell.length_b   76.618
_cell.length_c   103.506
_cell.angle_alpha   90.00
_cell.angle_beta   90.00
_cell.angle_gamma   90.00
#
_symmetry.space_group_name_H-M   'P 21 21 21'
#
loop_
_entity.id
_entity.type
_entity.pdbx_description
1 polymer 'Disintegrin and metalloproteinase domain-containing protein 17'
2 non-polymer 'ZINC ION'
3 non-polymer (2R,3R)-4-[(2R)-2-(3-chlorophenyl)pyrrolidin-1-yl]-2,3-dihydroxy-4-oxo-N-[(5-{[2-(trifluoromethyl)-1H-benzimidazol-1-yl]methyl}thiophen-2-yl)methyl]butanamide
4 water water
#
_entity_poly.entity_id   1
_entity_poly.type   'polypeptide(L)'
_entity_poly.pdbx_seq_one_letter_code
;RADPDPMKNTCKLLVVADHRFYRYMGRGEESTTTNYLIELIDRVDDIYRNTAWDNAGFKGYGIQIEQIRILKSPQEVKPG
EKHYNMAKSYPNEEKDAWDVKMLLEQFSFDIAEEASKVCLAHLFTYQDFDMGTLGLAYGGSPRANSHGGVCPKAYYSPVG
KKNIYLNSGLTSTKNYGKTILTKEADLVTTHELGHNFGAEHDPDGLAECAPNEDQGGKYVMYPIAVSGDHENNKMFSQCS
KQSIYKTIESKAQECFQERSNKGSHHHHHH
;
_entity_poly.pdbx_strand_id   A,B
#
loop_
_chem_comp.id
_chem_comp.type
_chem_comp.name
_chem_comp.formula
50X non-polymer (2R,3R)-4-[(2R)-2-(3-chlorophenyl)pyrrolidin-1-yl]-2,3-dihydroxy-4-oxo-N-[(5-{[2-(trifluoromethyl)-1H-benzimidazol-1-yl]methyl}thiophen-2-yl)methyl]butanamide 'C28 H26 Cl F3 N4 O4 S'
ZN non-polymer 'ZINC ION' 'Zn 2'
#
# COMPACT_ATOMS: atom_id res chain seq x y z
N PRO A 4 -5.86 0.37 0.65
CA PRO A 4 -6.77 1.47 1.04
C PRO A 4 -8.23 1.04 1.21
N ASP A 5 -8.89 1.55 2.26
CA ASP A 5 -10.30 1.27 2.54
C ASP A 5 -11.15 2.43 2.00
N PRO A 6 -11.86 2.25 0.86
CA PRO A 6 -12.68 3.36 0.31
C PRO A 6 -13.80 3.85 1.23
N MET A 7 -14.14 3.02 2.25
CA MET A 7 -15.15 3.32 3.25
C MET A 7 -14.56 4.17 4.40
N LYS A 8 -13.21 4.24 4.46
CA LYS A 8 -12.49 4.96 5.53
C LYS A 8 -11.34 5.77 4.89
N ASN A 9 -11.66 6.66 3.95
CA ASN A 9 -10.63 7.42 3.25
C ASN A 9 -10.75 8.94 3.28
N THR A 10 -11.79 9.47 3.93
CA THR A 10 -12.02 10.91 3.98
C THR A 10 -12.03 11.41 5.41
N CYS A 11 -11.32 12.50 5.66
CA CYS A 11 -11.28 13.17 6.97
C CYS A 11 -12.30 14.30 6.84
N LYS A 12 -13.47 14.15 7.50
CA LYS A 12 -14.53 15.16 7.47
C LYS A 12 -14.09 16.37 8.30
N LEU A 13 -14.39 17.60 7.79
CA LEU A 13 -13.96 18.82 8.47
C LEU A 13 -15.07 19.67 8.99
N LEU A 14 -14.82 20.27 10.16
CA LEU A 14 -15.67 21.35 10.64
C LEU A 14 -14.82 22.55 10.23
N VAL A 15 -15.38 23.40 9.38
CA VAL A 15 -14.72 24.60 8.92
C VAL A 15 -15.38 25.78 9.62
N VAL A 16 -14.58 26.63 10.27
CA VAL A 16 -15.10 27.80 10.96
C VAL A 16 -14.53 29.07 10.34
N ALA A 17 -15.39 29.99 9.98
CA ALA A 17 -14.94 31.28 9.50
C ALA A 17 -15.27 32.28 10.61
N ASP A 18 -14.25 32.99 11.11
CA ASP A 18 -14.52 33.96 12.17
C ASP A 18 -15.08 35.27 11.59
N HIS A 19 -15.42 36.24 12.46
CA HIS A 19 -15.99 37.54 12.04
C HIS A 19 -15.03 38.32 11.14
N ARG A 20 -13.71 38.18 11.35
CA ARG A 20 -12.67 38.86 10.56
C ARG A 20 -12.71 38.29 9.15
N PHE A 21 -12.74 36.94 9.03
CA PHE A 21 -12.81 36.28 7.73
C PHE A 21 -14.09 36.65 7.00
N TYR A 22 -15.25 36.57 7.67
CA TYR A 22 -16.55 36.92 7.14
C TYR A 22 -16.57 38.37 6.58
N ARG A 23 -16.06 39.34 7.35
CA ARG A 23 -16.02 40.74 6.91
C ARG A 23 -15.05 40.97 5.73
N TYR A 24 -13.78 40.59 5.90
CA TYR A 24 -12.73 40.91 4.94
C TYR A 24 -12.58 39.97 3.75
N MET A 25 -12.97 38.71 3.91
CA MET A 25 -12.89 37.75 2.81
C MET A 25 -14.28 37.50 2.23
N GLY A 26 -15.29 37.44 3.10
CA GLY A 26 -16.66 37.18 2.66
C GLY A 26 -17.47 38.42 2.27
N ARG A 27 -16.87 39.62 2.36
CA ARG A 27 -17.55 40.91 2.07
C ARG A 27 -18.90 41.04 2.84
N GLY A 28 -18.91 40.51 4.07
CA GLY A 28 -20.08 40.48 4.95
C GLY A 28 -21.24 39.67 4.43
N GLU A 29 -20.97 38.65 3.60
CA GLU A 29 -22.00 37.80 2.99
C GLU A 29 -21.71 36.32 3.19
N GLU A 30 -22.74 35.57 3.54
CA GLU A 30 -22.65 34.14 3.77
C GLU A 30 -22.24 33.38 2.50
N SER A 31 -22.85 33.70 1.34
CA SER A 31 -22.56 33.03 0.06
C SER A 31 -21.08 33.18 -0.35
N THR A 32 -20.54 34.41 -0.28
CA THR A 32 -19.17 34.71 -0.66
C THR A 32 -18.20 33.98 0.29
N THR A 33 -18.49 33.98 1.60
CA THR A 33 -17.69 33.29 2.61
C THR A 33 -17.61 31.79 2.32
N THR A 34 -18.77 31.15 2.18
CA THR A 34 -18.82 29.70 1.98
C THR A 34 -18.26 29.27 0.63
N ASN A 35 -18.56 30.01 -0.48
CA ASN A 35 -18.02 29.65 -1.80
CA ASN A 35 -18.02 29.65 -1.81
C ASN A 35 -16.49 29.64 -1.78
N TYR A 36 -15.87 30.66 -1.17
CA TYR A 36 -14.42 30.75 -1.06
C TYR A 36 -13.86 29.46 -0.38
N LEU A 37 -14.43 29.10 0.78
CA LEU A 37 -13.98 27.96 1.56
C LEU A 37 -14.25 26.63 0.89
N ILE A 38 -15.44 26.47 0.29
CA ILE A 38 -15.80 25.25 -0.45
C ILE A 38 -14.76 25.00 -1.57
N GLU A 39 -14.47 26.02 -2.40
CA GLU A 39 -13.51 25.84 -3.51
C GLU A 39 -12.11 25.59 -3.03
N LEU A 40 -11.66 26.33 -2.00
CA LEU A 40 -10.31 26.15 -1.45
C LEU A 40 -10.13 24.72 -0.97
N ILE A 41 -11.06 24.20 -0.15
CA ILE A 41 -10.93 22.85 0.40
C ILE A 41 -10.93 21.81 -0.74
N ASP A 42 -11.81 22.02 -1.75
CA ASP A 42 -11.82 21.08 -2.89
C ASP A 42 -10.46 21.08 -3.61
N ARG A 43 -9.84 22.28 -3.83
CA ARG A 43 -8.51 22.30 -4.47
C ARG A 43 -7.44 21.64 -3.61
N VAL A 44 -7.48 21.88 -2.28
CA VAL A 44 -6.52 21.24 -1.36
C VAL A 44 -6.79 19.70 -1.40
N ASP A 45 -8.07 19.28 -1.42
CA ASP A 45 -8.44 17.85 -1.48
C ASP A 45 -7.79 17.18 -2.73
N ASP A 46 -7.76 17.90 -3.89
CA ASP A 46 -7.12 17.33 -5.10
C ASP A 46 -5.66 17.00 -4.88
N ILE A 47 -4.93 17.84 -4.13
CA ILE A 47 -3.54 17.58 -3.80
C ILE A 47 -3.46 16.31 -2.95
N TYR A 48 -4.31 16.22 -1.89
CA TYR A 48 -4.27 15.08 -0.99
C TYR A 48 -4.65 13.75 -1.69
N ARG A 49 -5.79 13.75 -2.35
CA ARG A 49 -6.38 12.57 -3.00
C ARG A 49 -5.50 11.95 -4.11
N ASN A 50 -4.73 12.81 -4.83
CA ASN A 50 -3.80 12.42 -5.89
C ASN A 50 -2.43 12.04 -5.39
N THR A 51 -2.21 12.13 -4.06
CA THR A 51 -0.92 11.77 -3.48
C THR A 51 -0.88 10.29 -3.15
N ALA A 52 0.17 9.61 -3.64
CA ALA A 52 0.42 8.21 -3.36
C ALA A 52 1.41 8.24 -2.21
N TRP A 53 0.88 8.08 -1.01
CA TRP A 53 1.64 8.14 0.26
C TRP A 53 2.78 7.13 0.34
N ASP A 54 2.62 5.96 -0.33
CA ASP A 54 3.64 4.92 -0.39
C ASP A 54 4.31 4.85 -1.76
N ASN A 55 4.05 5.86 -2.64
CA ASN A 55 4.54 5.94 -4.03
C ASN A 55 4.01 4.79 -4.90
N ALA A 56 2.86 4.23 -4.51
CA ALA A 56 2.22 3.11 -5.22
C ALA A 56 0.70 3.27 -5.23
N GLY A 57 -0.01 2.30 -4.66
CA GLY A 57 -1.46 2.27 -4.66
C GLY A 57 -2.16 2.90 -3.47
N PHE A 58 -1.38 3.35 -2.46
CA PHE A 58 -1.98 3.96 -1.27
C PHE A 58 -2.26 5.45 -1.53
N LYS A 59 -3.39 5.70 -2.23
CA LYS A 59 -3.89 7.01 -2.62
C LYS A 59 -5.41 7.09 -2.51
N GLY A 60 -5.98 8.25 -2.81
CA GLY A 60 -7.43 8.46 -2.70
C GLY A 60 -7.88 8.93 -1.34
N TYR A 61 -6.92 9.30 -0.47
CA TYR A 61 -7.16 9.87 0.87
C TYR A 61 -7.25 11.37 0.84
N GLY A 62 -8.30 11.92 1.43
CA GLY A 62 -8.47 13.37 1.41
C GLY A 62 -9.37 13.93 2.48
N ILE A 63 -9.97 15.08 2.18
CA ILE A 63 -10.76 15.86 3.13
C ILE A 63 -12.07 16.29 2.49
N GLN A 64 -13.09 16.46 3.31
CA GLN A 64 -14.39 16.95 2.87
C GLN A 64 -15.03 17.79 3.95
N ILE A 65 -15.61 18.96 3.59
CA ILE A 65 -16.31 19.80 4.56
C ILE A 65 -17.61 19.09 5.02
N GLU A 66 -17.81 18.97 6.32
CA GLU A 66 -19.03 18.39 6.88
C GLU A 66 -19.95 19.55 7.25
N GLN A 67 -19.36 20.62 7.80
CA GLN A 67 -20.10 21.80 8.23
C GLN A 67 -19.21 23.02 8.13
N ILE A 68 -19.82 24.18 7.81
CA ILE A 68 -19.21 25.48 7.85
C ILE A 68 -19.95 26.31 8.90
N ARG A 69 -19.25 26.68 9.96
CA ARG A 69 -19.80 27.59 10.96
C ARG A 69 -19.37 28.98 10.51
N ILE A 70 -20.34 29.89 10.38
CA ILE A 70 -20.08 31.26 9.96
C ILE A 70 -20.35 32.22 11.11
N LEU A 71 -19.29 32.81 11.68
CA LEU A 71 -19.42 33.76 12.79
C LEU A 71 -19.48 35.16 12.19
N LYS A 72 -20.70 35.71 12.09
CA LYS A 72 -20.92 37.01 11.43
C LYS A 72 -20.43 38.21 12.21
N SER A 73 -20.43 38.12 13.54
CA SER A 73 -20.02 39.25 14.35
C SER A 73 -19.08 38.85 15.52
N PRO A 74 -18.35 39.78 16.18
CA PRO A 74 -17.46 39.37 17.26
C PRO A 74 -18.17 38.75 18.45
N GLN A 75 -17.49 37.82 19.11
CA GLN A 75 -18.02 37.17 20.30
C GLN A 75 -17.91 38.15 21.46
N GLU A 76 -19.06 38.47 22.07
CA GLU A 76 -19.09 39.35 23.25
C GLU A 76 -18.46 38.55 24.39
N VAL A 77 -17.51 39.16 25.10
CA VAL A 77 -16.82 38.54 26.23
C VAL A 77 -17.03 39.38 27.49
N LYS A 78 -17.08 38.73 28.66
CA LYS A 78 -17.21 39.40 29.95
C LYS A 78 -15.82 39.93 30.31
N PRO A 79 -15.65 40.87 31.28
CA PRO A 79 -14.29 41.34 31.60
C PRO A 79 -13.33 40.20 31.96
N GLY A 80 -12.11 40.28 31.43
CA GLY A 80 -11.06 39.28 31.62
C GLY A 80 -11.28 37.94 30.93
N GLU A 81 -12.39 37.78 30.18
CA GLU A 81 -12.73 36.53 29.47
C GLU A 81 -12.21 36.59 28.03
N LYS A 82 -11.80 35.44 27.47
CA LYS A 82 -11.36 35.41 26.08
C LYS A 82 -12.08 34.35 25.26
N HIS A 83 -12.06 34.54 23.94
CA HIS A 83 -12.69 33.67 22.95
C HIS A 83 -11.96 33.93 21.63
N TYR A 84 -11.78 32.87 20.80
CA TYR A 84 -11.09 33.03 19.51
C TYR A 84 -11.80 34.03 18.57
N ASN A 85 -13.12 34.18 18.70
CA ASN A 85 -13.91 35.08 17.84
C ASN A 85 -14.15 36.48 18.46
N MET A 86 -13.54 36.77 19.62
CA MET A 86 -13.73 38.09 20.25
C MET A 86 -13.14 39.21 19.33
N ALA A 87 -13.60 40.47 19.50
CA ALA A 87 -13.16 41.61 18.67
C ALA A 87 -11.66 41.89 18.79
N LYS A 88 -11.14 41.85 20.00
CA LYS A 88 -9.75 42.21 20.24
C LYS A 88 -8.78 41.04 20.02
N SER A 89 -7.51 41.37 19.68
CA SER A 89 -6.41 40.41 19.56
C SER A 89 -5.92 40.16 20.98
N TYR A 90 -5.25 39.03 21.19
CA TYR A 90 -4.68 38.65 22.46
C TYR A 90 -3.30 38.03 22.22
N PRO A 91 -2.25 38.31 23.03
CA PRO A 91 -2.21 39.14 24.26
C PRO A 91 -2.16 40.65 24.07
N ASN A 92 -1.77 41.12 22.88
CA ASN A 92 -1.64 42.56 22.64
C ASN A 92 -2.78 43.12 21.77
N GLU A 93 -3.79 43.73 22.43
CA GLU A 93 -4.97 44.31 21.76
C GLU A 93 -4.62 45.44 20.78
N GLU A 94 -3.46 46.11 20.94
CA GLU A 94 -3.03 47.18 20.02
C GLU A 94 -2.59 46.61 18.65
N LYS A 95 -2.32 45.27 18.58
CA LYS A 95 -1.90 44.58 17.36
C LYS A 95 -3.08 44.06 16.56
N ASP A 96 -2.93 44.02 15.22
CA ASP A 96 -3.95 43.51 14.33
C ASP A 96 -4.32 42.03 14.62
N ALA A 97 -3.32 41.25 15.08
CA ALA A 97 -3.47 39.81 15.27
C ALA A 97 -3.10 39.26 16.65
N TRP A 98 -3.61 38.06 16.92
CA TRP A 98 -3.29 37.31 18.12
C TRP A 98 -1.88 36.77 17.98
N ASP A 99 -1.34 36.26 19.09
CA ASP A 99 -0.13 35.46 19.07
C ASP A 99 -0.73 34.15 18.48
N VAL A 100 -0.17 33.65 17.35
CA VAL A 100 -0.70 32.49 16.62
C VAL A 100 -0.90 31.23 17.46
N LYS A 101 0.10 30.90 18.33
CA LYS A 101 0.05 29.74 19.22
C LYS A 101 -1.10 29.84 20.24
N MET A 102 -1.29 31.05 20.82
CA MET A 102 -2.37 31.30 21.78
C MET A 102 -3.72 31.22 21.10
N LEU A 103 -3.84 31.75 19.85
CA LEU A 103 -5.10 31.67 19.11
C LEU A 103 -5.49 30.20 18.84
N LEU A 104 -4.51 29.37 18.44
CA LEU A 104 -4.80 27.95 18.19
C LEU A 104 -5.29 27.23 19.46
N GLU A 105 -4.63 27.50 20.61
CA GLU A 105 -5.02 26.97 21.93
C GLU A 105 -6.44 27.44 22.26
N GLN A 106 -6.72 28.76 22.08
CA GLN A 106 -8.05 29.30 22.34
C GLN A 106 -9.14 28.66 21.47
N PHE A 107 -8.90 28.61 20.14
CA PHE A 107 -9.85 28.00 19.22
C PHE A 107 -10.19 26.58 19.66
N SER A 108 -9.14 25.76 19.95
CA SER A 108 -9.30 24.34 20.40
C SER A 108 -10.15 24.27 21.68
N PHE A 109 -9.95 25.21 22.60
CA PHE A 109 -10.72 25.26 23.84
C PHE A 109 -12.21 25.55 23.56
N ASP A 110 -12.48 26.61 22.80
CA ASP A 110 -13.86 27.00 22.48
C ASP A 110 -14.64 26.02 21.64
N ILE A 111 -13.96 25.29 20.74
CA ILE A 111 -14.61 24.35 19.80
C ILE A 111 -14.62 22.90 20.25
N ALA A 112 -14.14 22.61 21.48
CA ALA A 112 -13.99 21.25 22.01
C ALA A 112 -15.17 20.31 21.80
N GLU A 113 -16.39 20.77 22.08
CA GLU A 113 -17.61 19.94 21.94
C GLU A 113 -17.81 19.49 20.49
N GLU A 114 -17.71 20.45 19.55
CA GLU A 114 -17.86 20.18 18.11
C GLU A 114 -16.68 19.37 17.57
N ALA A 115 -15.45 19.68 18.02
CA ALA A 115 -14.21 19.02 17.58
C ALA A 115 -14.17 17.54 17.92
N SER A 116 -14.84 17.14 19.04
CA SER A 116 -14.91 15.74 19.47
C SER A 116 -15.68 14.87 18.48
N LYS A 117 -16.54 15.49 17.66
CA LYS A 117 -17.43 14.80 16.73
C LYS A 117 -16.95 14.78 15.27
N VAL A 118 -15.76 15.32 14.98
CA VAL A 118 -15.22 15.44 13.61
C VAL A 118 -13.78 14.98 13.51
N CYS A 119 -13.32 14.65 12.29
CA CYS A 119 -11.93 14.26 12.10
C CYS A 119 -10.99 15.47 12.38
N LEU A 120 -11.34 16.65 11.83
CA LEU A 120 -10.58 17.89 12.08
C LEU A 120 -11.47 19.10 12.14
N ALA A 121 -11.00 20.14 12.86
CA ALA A 121 -11.63 21.46 12.91
C ALA A 121 -10.58 22.43 12.37
N HIS A 122 -10.99 23.30 11.45
CA HIS A 122 -10.06 24.28 10.89
C HIS A 122 -10.65 25.67 10.98
N LEU A 123 -9.88 26.60 11.55
CA LEU A 123 -10.33 27.98 11.68
C LEU A 123 -9.77 28.81 10.51
N PHE A 124 -10.65 29.58 9.85
CA PHE A 124 -10.22 30.50 8.83
C PHE A 124 -10.41 31.90 9.37
N THR A 125 -9.33 32.65 9.41
CA THR A 125 -9.32 34.00 9.98
C THR A 125 -8.66 35.00 9.01
N TYR A 126 -8.65 36.27 9.40
CA TYR A 126 -8.07 37.31 8.61
C TYR A 126 -7.36 38.26 9.55
N GLN A 127 -6.15 37.90 9.90
CA GLN A 127 -5.30 38.67 10.78
C GLN A 127 -3.84 38.53 10.42
N ASP A 128 -3.14 39.65 10.50
CA ASP A 128 -1.74 39.73 10.14
C ASP A 128 -0.79 39.31 11.27
N PHE A 129 -0.49 38.00 11.35
CA PHE A 129 0.41 37.45 12.35
C PHE A 129 1.81 38.01 12.13
N ASP A 130 2.57 38.20 13.22
CA ASP A 130 3.93 38.73 13.14
C ASP A 130 4.88 37.85 12.34
N MET A 131 5.88 38.49 11.71
CA MET A 131 6.96 37.85 10.96
C MET A 131 6.55 36.86 9.88
N GLY A 132 5.54 37.21 9.10
CA GLY A 132 5.06 36.40 7.97
C GLY A 132 4.39 35.07 8.24
N THR A 133 4.01 34.76 9.51
CA THR A 133 3.29 33.52 9.82
C THR A 133 1.88 33.57 9.16
N LEU A 134 1.47 32.45 8.54
CA LEU A 134 0.19 32.31 7.86
C LEU A 134 -0.78 31.34 8.49
N GLY A 135 -0.26 30.43 9.31
CA GLY A 135 -1.10 29.46 10.00
C GLY A 135 -0.37 28.67 11.05
N LEU A 136 -1.10 27.72 11.63
CA LEU A 136 -0.61 26.82 12.68
C LEU A 136 -1.53 25.64 12.81
N ALA A 137 -1.01 24.47 13.24
CA ALA A 137 -1.85 23.28 13.45
C ALA A 137 -1.14 22.29 14.38
N TYR A 138 -1.89 21.39 15.02
CA TYR A 138 -1.31 20.36 15.88
C TYR A 138 -1.00 19.13 15.04
N GLY A 139 0.10 18.46 15.38
CA GLY A 139 0.60 17.28 14.69
C GLY A 139 1.90 17.59 13.97
N GLY A 140 2.72 16.59 13.74
CA GLY A 140 4.00 16.75 13.05
C GLY A 140 4.97 17.67 13.76
N HIS A 147 1.87 16.67 20.42
CA HIS A 147 0.95 15.72 19.81
C HIS A 147 -0.28 16.42 19.17
N GLY A 148 -1.14 15.63 18.53
CA GLY A 148 -2.36 16.11 17.88
C GLY A 148 -2.57 15.67 16.43
N GLY A 149 -3.49 16.33 15.76
CA GLY A 149 -3.77 16.03 14.37
C GLY A 149 -5.05 15.26 14.16
N VAL A 150 -5.18 14.58 13.00
CA VAL A 150 -6.40 13.86 12.62
C VAL A 150 -6.94 12.98 13.74
N CYS A 151 -8.29 13.01 13.94
CA CYS A 151 -9.07 12.24 14.92
C CYS A 151 -8.90 12.86 16.31
N PRO A 152 -10.01 13.27 16.95
CA PRO A 152 -9.88 13.97 18.23
C PRO A 152 -9.16 13.14 19.29
N LYS A 153 -8.12 13.72 19.87
CA LYS A 153 -7.31 13.13 20.93
C LYS A 153 -7.43 14.12 22.09
N ALA A 154 -7.98 13.64 23.22
CA ALA A 154 -8.19 14.49 24.38
C ALA A 154 -6.89 14.96 25.03
N TYR A 155 -6.92 16.19 25.52
CA TYR A 155 -5.86 16.77 26.31
C TYR A 155 -6.57 17.45 27.47
N TYR A 156 -6.30 17.03 28.73
CA TYR A 156 -6.94 17.71 29.85
C TYR A 156 -6.22 19.08 30.08
N SER A 157 -6.96 20.16 29.91
CA SER A 157 -6.43 21.51 30.09
C SER A 157 -6.51 21.92 31.56
N PRO A 158 -5.38 21.94 32.32
CA PRO A 158 -5.46 22.34 33.74
C PRO A 158 -6.00 23.76 33.94
N VAL A 159 -5.62 24.70 33.04
CA VAL A 159 -6.09 26.09 33.06
C VAL A 159 -7.58 26.13 32.66
N GLY A 160 -7.92 25.46 31.56
CA GLY A 160 -9.29 25.42 31.06
C GLY A 160 -10.26 24.57 31.86
N LYS A 161 -9.74 23.64 32.69
CA LYS A 161 -10.53 22.73 33.54
C LYS A 161 -11.47 21.76 32.81
N LYS A 162 -11.08 21.35 31.58
CA LYS A 162 -11.85 20.38 30.76
C LYS A 162 -10.97 19.77 29.70
N ASN A 163 -11.50 18.75 29.01
CA ASN A 163 -10.76 18.16 27.91
C ASN A 163 -10.94 19.04 26.67
N ILE A 164 -9.85 19.28 25.98
CA ILE A 164 -9.85 19.98 24.69
C ILE A 164 -9.32 18.92 23.72
N TYR A 165 -9.52 19.11 22.43
CA TYR A 165 -9.04 18.14 21.44
C TYR A 165 -8.03 18.78 20.53
N LEU A 166 -6.99 18.04 20.19
CA LEU A 166 -5.87 18.52 19.39
C LEU A 166 -6.00 18.28 17.88
N ASN A 167 -7.23 18.05 17.40
CA ASN A 167 -7.50 17.80 15.97
C ASN A 167 -7.86 19.16 15.31
N SER A 168 -6.99 20.15 15.48
CA SER A 168 -7.27 21.51 15.05
C SER A 168 -6.13 22.20 14.34
N GLY A 169 -6.47 23.23 13.57
CA GLY A 169 -5.51 24.03 12.83
C GLY A 169 -6.15 25.32 12.39
N LEU A 170 -5.35 26.25 11.89
CA LEU A 170 -5.88 27.54 11.44
C LEU A 170 -5.10 28.09 10.25
N THR A 171 -5.79 28.88 9.43
CA THR A 171 -5.26 29.58 8.26
C THR A 171 -5.70 31.06 8.34
N SER A 172 -4.75 32.01 8.14
CA SER A 172 -5.09 33.42 7.97
C SER A 172 -4.85 33.75 6.47
N THR A 173 -5.76 34.51 5.84
CA THR A 173 -5.56 34.88 4.42
C THR A 173 -5.07 36.34 4.30
N LYS A 174 -4.59 36.90 5.40
CA LYS A 174 -4.00 38.24 5.45
C LYS A 174 -2.53 38.11 5.80
N ASN A 175 -1.66 38.79 5.04
CA ASN A 175 -0.23 38.82 5.37
C ASN A 175 0.37 40.13 4.88
N TYR A 176 1.10 40.83 5.78
CA TYR A 176 1.71 42.14 5.45
C TYR A 176 0.68 43.13 4.92
N GLY A 177 -0.41 43.29 5.65
CA GLY A 177 -1.45 44.27 5.33
C GLY A 177 -2.28 44.04 4.09
N LYS A 178 -2.24 42.81 3.50
CA LYS A 178 -3.06 42.57 2.32
C LYS A 178 -3.58 41.15 2.23
N THR A 179 -4.60 40.94 1.42
CA THR A 179 -5.17 39.60 1.22
C THR A 179 -4.17 38.83 0.38
N ILE A 180 -3.81 37.62 0.84
CA ILE A 180 -2.91 36.77 0.06
C ILE A 180 -3.68 36.26 -1.20
N LEU A 181 -2.94 35.83 -2.26
CA LEU A 181 -3.55 35.30 -3.48
C LEU A 181 -4.24 33.99 -3.12
N THR A 182 -5.24 33.59 -3.92
CA THR A 182 -5.89 32.30 -3.65
C THR A 182 -4.86 31.15 -3.80
N LYS A 183 -3.93 31.25 -4.79
CA LYS A 183 -2.90 30.20 -4.95
C LYS A 183 -2.01 30.06 -3.69
N GLU A 184 -1.81 31.18 -2.98
CA GLU A 184 -1.04 31.22 -1.72
C GLU A 184 -1.87 30.63 -0.57
N ALA A 185 -3.17 31.00 -0.46
CA ALA A 185 -4.08 30.47 0.58
C ALA A 185 -4.22 28.96 0.50
N ASP A 186 -4.31 28.41 -0.73
CA ASP A 186 -4.37 26.95 -0.95
C ASP A 186 -3.15 26.30 -0.33
N LEU A 187 -1.94 26.90 -0.51
CA LEU A 187 -0.69 26.35 0.06
C LEU A 187 -0.63 26.41 1.57
N VAL A 188 -1.20 27.48 2.16
CA VAL A 188 -1.24 27.62 3.63
C VAL A 188 -2.08 26.46 4.19
N THR A 189 -3.33 26.32 3.74
CA THR A 189 -4.22 25.28 4.21
C THR A 189 -3.62 23.87 3.96
N THR A 190 -3.00 23.66 2.78
CA THR A 190 -2.35 22.36 2.51
C THR A 190 -1.30 22.07 3.59
N HIS A 191 -0.42 23.05 3.89
CA HIS A 191 0.67 22.96 4.85
C HIS A 191 0.16 22.67 6.27
N GLU A 192 -0.84 23.44 6.73
CA GLU A 192 -1.40 23.26 8.07
C GLU A 192 -2.10 21.91 8.21
N LEU A 193 -2.89 21.53 7.20
CA LEU A 193 -3.54 20.21 7.22
C LEU A 193 -2.48 19.11 7.12
N GLY A 194 -1.32 19.44 6.52
CA GLY A 194 -0.17 18.55 6.40
C GLY A 194 0.33 18.15 7.78
N HIS A 195 0.48 19.18 8.66
CA HIS A 195 0.82 18.98 10.06
C HIS A 195 -0.23 18.10 10.71
N ASN A 196 -1.54 18.38 10.49
CA ASN A 196 -2.64 17.56 11.05
C ASN A 196 -2.54 16.10 10.63
N PHE A 197 -2.17 15.88 9.36
CA PHE A 197 -1.99 14.55 8.78
C PHE A 197 -0.69 13.86 9.25
N GLY A 198 0.15 14.56 10.01
CA GLY A 198 1.37 14.01 10.62
C GLY A 198 2.72 14.46 10.11
N ALA A 199 2.77 15.33 9.10
CA ALA A 199 4.05 15.77 8.52
C ALA A 199 4.75 16.85 9.34
N GLU A 200 6.08 16.79 9.38
CA GLU A 200 6.92 17.81 10.00
C GLU A 200 7.36 18.71 8.88
N HIS A 201 8.12 19.76 9.18
CA HIS A 201 8.67 20.61 8.15
C HIS A 201 9.77 19.88 7.39
N ASP A 202 9.96 20.21 6.12
CA ASP A 202 11.04 19.66 5.31
C ASP A 202 12.35 20.32 5.75
N PRO A 203 13.39 19.52 6.12
CA PRO A 203 14.67 20.13 6.54
C PRO A 203 15.61 20.44 5.38
N ASP A 204 16.47 21.48 5.53
CA ASP A 204 17.46 21.84 4.53
C ASP A 204 18.48 20.72 4.24
N GLY A 205 18.84 19.98 5.28
CA GLY A 205 19.79 18.87 5.19
C GLY A 205 19.39 17.68 4.34
N LEU A 206 18.12 17.65 3.84
CA LEU A 206 17.64 16.57 2.96
C LEU A 206 17.21 17.15 1.65
N ALA A 207 18.17 17.24 0.71
CA ALA A 207 18.01 17.83 -0.61
C ALA A 207 16.81 17.25 -1.38
N GLU A 208 16.53 15.94 -1.24
CA GLU A 208 15.38 15.27 -1.88
C GLU A 208 14.06 15.98 -1.45
N CYS A 209 14.00 16.37 -0.16
CA CYS A 209 12.84 17.02 0.48
C CYS A 209 12.81 18.52 0.45
N ALA A 210 13.93 19.14 0.13
CA ALA A 210 14.03 20.60 0.02
C ALA A 210 14.89 20.93 -1.23
N PRO A 211 14.34 20.73 -2.46
CA PRO A 211 15.13 21.00 -3.69
C PRO A 211 15.43 22.46 -3.98
N ASN A 212 16.39 22.70 -4.92
CA ASN A 212 16.77 24.03 -5.41
C ASN A 212 15.69 24.46 -6.43
N GLU A 213 15.64 25.76 -6.80
CA GLU A 213 14.65 26.30 -7.74
C GLU A 213 14.65 25.65 -9.13
N ASP A 214 15.84 25.28 -9.65
CA ASP A 214 15.99 24.62 -10.96
C ASP A 214 15.41 23.20 -10.95
N GLN A 215 15.38 22.57 -9.75
CA GLN A 215 14.87 21.22 -9.48
C GLN A 215 13.36 21.20 -9.12
N GLY A 216 12.68 22.34 -9.33
CA GLY A 216 11.25 22.48 -9.09
C GLY A 216 10.85 23.25 -7.84
N GLY A 217 11.83 23.61 -7.02
CA GLY A 217 11.65 24.37 -5.80
C GLY A 217 11.31 23.54 -4.58
N LYS A 218 10.87 24.22 -3.52
CA LYS A 218 10.53 23.59 -2.25
C LYS A 218 9.17 22.90 -2.33
N TYR A 219 8.94 21.93 -1.44
CA TYR A 219 7.65 21.25 -1.31
C TYR A 219 6.80 21.99 -0.28
N VAL A 220 5.50 21.67 -0.19
CA VAL A 220 4.55 22.38 0.68
C VAL A 220 4.91 22.47 2.17
N MET A 221 5.58 21.44 2.72
CA MET A 221 5.97 21.40 4.13
C MET A 221 7.25 22.17 4.46
N TYR A 222 7.77 22.96 3.52
CA TYR A 222 8.95 23.82 3.79
C TYR A 222 8.53 24.83 4.89
N PRO A 223 9.39 25.13 5.90
CA PRO A 223 8.92 26.03 6.99
C PRO A 223 8.57 27.45 6.52
N ILE A 224 9.22 27.93 5.47
CA ILE A 224 9.06 29.29 4.93
C ILE A 224 8.14 29.28 3.72
N ALA A 225 7.12 30.16 3.69
CA ALA A 225 6.24 30.36 2.52
C ALA A 225 7.10 31.17 1.51
N VAL A 226 8.14 30.51 0.97
CA VAL A 226 9.20 31.01 0.08
C VAL A 226 8.76 31.55 -1.25
N SER A 227 7.88 30.80 -1.94
CA SER A 227 7.51 31.15 -3.30
C SER A 227 6.01 31.20 -3.58
N GLY A 228 5.46 30.10 -4.11
CA GLY A 228 4.06 29.97 -4.49
C GLY A 228 3.85 29.78 -5.97
N ASP A 229 4.94 29.82 -6.79
CA ASP A 229 4.89 29.70 -8.25
C ASP A 229 5.70 28.53 -8.85
N HIS A 230 6.45 27.79 -8.03
CA HIS A 230 7.25 26.66 -8.47
C HIS A 230 6.45 25.37 -8.37
N GLU A 231 6.75 24.39 -9.25
CA GLU A 231 6.01 23.12 -9.37
C GLU A 231 5.84 22.33 -8.08
N ASN A 232 6.94 22.17 -7.33
CA ASN A 232 6.95 21.38 -6.09
C ASN A 232 6.15 22.01 -4.97
N ASN A 233 5.95 23.35 -5.01
CA ASN A 233 5.26 24.13 -3.97
C ASN A 233 3.93 23.56 -3.55
N LYS A 234 3.17 23.01 -4.51
CA LYS A 234 1.84 22.47 -4.27
C LYS A 234 1.86 20.98 -3.88
N MET A 235 3.05 20.33 -3.88
CA MET A 235 3.23 18.89 -3.62
CA MET A 235 3.19 18.89 -3.61
C MET A 235 3.88 18.56 -2.28
N PHE A 236 3.67 17.34 -1.79
CA PHE A 236 4.29 16.82 -0.59
C PHE A 236 5.63 16.16 -0.96
N SER A 237 6.67 16.44 -0.17
CA SER A 237 8.00 15.83 -0.37
C SER A 237 7.92 14.33 0.04
N GLN A 238 8.98 13.58 -0.23
CA GLN A 238 9.07 12.18 0.17
C GLN A 238 9.11 12.09 1.70
N CYS A 239 9.66 13.13 2.36
CA CYS A 239 9.71 13.23 3.82
C CYS A 239 8.30 13.32 4.39
N SER A 240 7.45 14.21 3.82
CA SER A 240 6.05 14.36 4.23
C SER A 240 5.26 13.06 3.95
N LYS A 241 5.48 12.45 2.76
CA LYS A 241 4.76 11.22 2.36
C LYS A 241 5.00 10.10 3.37
N GLN A 242 6.28 9.87 3.74
CA GLN A 242 6.71 8.89 4.74
C GLN A 242 5.97 9.10 6.09
N SER A 243 5.95 10.37 6.59
CA SER A 243 5.30 10.68 7.87
C SER A 243 3.82 10.49 7.81
N ILE A 244 3.18 11.03 6.73
CA ILE A 244 1.73 10.97 6.57
C ILE A 244 1.28 9.54 6.32
N TYR A 245 2.11 8.76 5.59
CA TYR A 245 1.81 7.33 5.30
C TYR A 245 1.56 6.57 6.61
N LYS A 246 2.48 6.69 7.60
CA LYS A 246 2.32 6.07 8.92
C LYS A 246 1.05 6.53 9.65
N THR A 247 0.73 7.85 9.60
CA THR A 247 -0.45 8.42 10.27
C THR A 247 -1.77 7.87 9.71
N ILE A 248 -1.92 7.89 8.37
CA ILE A 248 -3.11 7.39 7.70
C ILE A 248 -3.29 5.89 8.04
N GLU A 249 -2.21 5.12 8.03
CA GLU A 249 -2.20 3.68 8.39
C GLU A 249 -2.74 3.47 9.81
N SER A 250 -2.37 4.36 10.73
CA SER A 250 -2.75 4.32 12.13
C SER A 250 -4.13 4.94 12.42
N LYS A 251 -4.55 6.00 11.65
CA LYS A 251 -5.74 6.81 11.90
C LYS A 251 -6.97 6.68 11.01
N ALA A 252 -6.85 6.21 9.77
CA ALA A 252 -8.01 6.09 8.87
C ALA A 252 -9.13 5.24 9.48
N GLN A 253 -8.75 4.09 10.07
CA GLN A 253 -9.74 3.21 10.69
C GLN A 253 -10.42 3.87 11.87
N GLU A 254 -9.68 4.71 12.60
CA GLU A 254 -10.17 5.43 13.78
C GLU A 254 -11.26 6.43 13.49
N CYS A 255 -11.05 7.40 12.55
CA CYS A 255 -12.10 8.41 12.34
C CYS A 255 -12.42 8.76 10.87
N PHE A 256 -11.73 8.13 9.88
CA PHE A 256 -12.02 8.47 8.48
C PHE A 256 -13.36 7.87 8.03
N GLN A 257 -14.03 8.54 7.10
CA GLN A 257 -15.32 8.13 6.60
C GLN A 257 -15.27 7.95 5.08
N GLU A 258 -16.39 7.50 4.52
CA GLU A 258 -16.50 7.32 3.08
C GLU A 258 -16.70 8.71 2.46
N ARG A 259 -16.10 8.95 1.28
CA ARG A 259 -16.25 10.20 0.53
C ARG A 259 -17.71 10.33 0.13
N SER A 260 -18.31 11.52 0.36
CA SER A 260 -19.70 11.79 -0.01
C SER A 260 -19.81 12.25 -1.47
N PRO B 6 1.50 -44.95 -18.91
CA PRO B 6 0.80 -44.50 -20.13
C PRO B 6 -0.53 -43.82 -19.83
N MET B 7 -1.39 -44.46 -19.00
CA MET B 7 -2.68 -43.94 -18.58
C MET B 7 -2.50 -42.93 -17.45
N LYS B 8 -1.63 -43.26 -16.46
CA LYS B 8 -1.31 -42.41 -15.30
C LYS B 8 -0.37 -41.29 -15.77
N ASN B 9 -0.95 -40.23 -16.38
CA ASN B 9 -0.17 -39.15 -16.97
C ASN B 9 -0.47 -37.74 -16.44
N THR B 10 -1.25 -37.67 -15.36
CA THR B 10 -1.67 -36.41 -14.83
C THR B 10 -1.33 -36.25 -13.37
N CYS B 11 -0.71 -35.11 -13.04
CA CYS B 11 -0.39 -34.74 -11.68
C CYS B 11 -1.52 -33.81 -11.24
N LYS B 12 -2.42 -34.32 -10.38
CA LYS B 12 -3.56 -33.54 -9.89
C LYS B 12 -3.09 -32.49 -8.90
N LEU B 13 -3.60 -31.27 -9.05
CA LEU B 13 -3.21 -30.16 -8.20
C LEU B 13 -4.28 -29.63 -7.29
N LEU B 14 -3.83 -29.20 -6.10
CA LEU B 14 -4.56 -28.39 -5.15
C LEU B 14 -3.98 -27.00 -5.38
N VAL B 15 -4.84 -26.06 -5.80
CA VAL B 15 -4.42 -24.70 -6.06
C VAL B 15 -4.99 -23.81 -4.97
N VAL B 16 -4.12 -23.00 -4.35
CA VAL B 16 -4.54 -22.11 -3.28
C VAL B 16 -4.21 -20.67 -3.65
N ALA B 17 -5.23 -19.81 -3.60
CA ALA B 17 -5.06 -18.38 -3.78
C ALA B 17 -5.21 -17.78 -2.39
N ASP B 18 -4.19 -17.04 -1.93
CA ASP B 18 -4.23 -16.42 -0.61
C ASP B 18 -4.97 -15.08 -0.66
N HIS B 19 -5.15 -14.40 0.50
CA HIS B 19 -5.85 -13.11 0.59
C HIS B 19 -5.24 -12.03 -0.30
N ARG B 20 -3.89 -12.04 -0.45
CA ARG B 20 -3.12 -11.11 -1.29
C ARG B 20 -3.42 -11.30 -2.77
N PHE B 21 -3.51 -12.58 -3.24
CA PHE B 21 -3.83 -12.89 -4.64
C PHE B 21 -5.30 -12.53 -4.93
N TYR B 22 -6.24 -12.94 -4.05
CA TYR B 22 -7.67 -12.68 -4.13
C TYR B 22 -7.99 -11.19 -4.29
N ARG B 23 -7.35 -10.33 -3.49
CA ARG B 23 -7.56 -8.90 -3.52
C ARG B 23 -6.94 -8.21 -4.72
N TYR B 24 -5.62 -8.40 -4.92
CA TYR B 24 -4.85 -7.72 -5.97
C TYR B 24 -4.86 -8.33 -7.37
N MET B 25 -5.25 -9.60 -7.49
CA MET B 25 -5.31 -10.27 -8.79
C MET B 25 -6.73 -10.61 -9.20
N GLY B 26 -7.55 -11.02 -8.23
CA GLY B 26 -8.93 -11.42 -8.46
C GLY B 26 -9.98 -10.37 -8.14
N ARG B 27 -9.54 -9.11 -7.88
CA ARG B 27 -10.38 -7.92 -7.57
C ARG B 27 -11.40 -8.13 -6.41
N GLY B 28 -11.03 -8.99 -5.46
CA GLY B 28 -11.87 -9.35 -4.32
C GLY B 28 -13.06 -10.19 -4.73
N GLU B 29 -12.96 -10.86 -5.89
CA GLU B 29 -14.02 -11.70 -6.44
C GLU B 29 -13.61 -13.16 -6.55
N GLU B 30 -14.51 -14.06 -6.12
CA GLU B 30 -14.32 -15.51 -6.15
C GLU B 30 -14.21 -16.01 -7.59
N SER B 31 -15.14 -15.56 -8.46
CA SER B 31 -15.22 -15.93 -9.88
C SER B 31 -13.95 -15.52 -10.67
N THR B 32 -13.52 -14.26 -10.54
CA THR B 32 -12.36 -13.66 -11.23
C THR B 32 -11.07 -14.39 -10.85
N THR B 33 -10.84 -14.57 -9.52
CA THR B 33 -9.68 -15.29 -8.96
C THR B 33 -9.63 -16.71 -9.56
N THR B 34 -10.76 -17.43 -9.52
CA THR B 34 -10.94 -18.79 -10.03
C THR B 34 -10.62 -18.89 -11.52
N ASN B 35 -11.27 -18.02 -12.34
CA ASN B 35 -11.11 -18.00 -13.79
C ASN B 35 -9.66 -17.80 -14.22
N TYR B 36 -8.94 -16.88 -13.56
CA TYR B 36 -7.54 -16.57 -13.80
C TYR B 36 -6.72 -17.87 -13.59
N LEU B 37 -6.93 -18.54 -12.45
CA LEU B 37 -6.23 -19.77 -12.11
C LEU B 37 -6.51 -20.92 -13.00
N ILE B 38 -7.80 -21.12 -13.40
CA ILE B 38 -8.21 -22.18 -14.33
C ILE B 38 -7.54 -21.97 -15.68
N GLU B 39 -7.56 -20.72 -16.20
CA GLU B 39 -6.92 -20.43 -17.48
C GLU B 39 -5.39 -20.60 -17.46
N LEU B 40 -4.74 -20.13 -16.39
CA LEU B 40 -3.28 -20.22 -16.24
C LEU B 40 -2.90 -21.70 -16.20
N ILE B 41 -3.56 -22.50 -15.30
CA ILE B 41 -3.25 -23.93 -15.25
C ILE B 41 -3.42 -24.63 -16.57
N ASP B 42 -4.52 -24.34 -17.32
CA ASP B 42 -4.74 -24.93 -18.63
C ASP B 42 -3.61 -24.61 -19.65
N ARG B 43 -3.14 -23.34 -19.67
CA ARG B 43 -2.07 -22.91 -20.57
C ARG B 43 -0.73 -23.56 -20.18
N VAL B 44 -0.42 -23.63 -18.88
CA VAL B 44 0.81 -24.28 -18.36
C VAL B 44 0.78 -25.77 -18.72
N ASP B 45 -0.40 -26.40 -18.53
CA ASP B 45 -0.62 -27.79 -18.93
C ASP B 45 -0.30 -28.00 -20.41
N ASP B 46 -0.73 -27.06 -21.34
CA ASP B 46 -0.41 -27.18 -22.77
C ASP B 46 1.12 -27.34 -23.01
N ILE B 47 1.95 -26.56 -22.30
CA ILE B 47 3.41 -26.65 -22.39
C ILE B 47 3.87 -28.06 -21.98
N TYR B 48 3.41 -28.54 -20.82
CA TYR B 48 3.74 -29.87 -20.31
C TYR B 48 3.35 -31.00 -21.26
N ARG B 49 2.07 -31.04 -21.69
CA ARG B 49 1.53 -32.08 -22.58
C ARG B 49 2.29 -32.19 -23.90
N ASN B 50 2.65 -31.03 -24.47
CA ASN B 50 3.40 -31.00 -25.73
C ASN B 50 4.89 -31.30 -25.56
N THR B 51 5.39 -31.42 -24.32
CA THR B 51 6.82 -31.70 -24.14
C THR B 51 7.09 -33.21 -24.32
N ALA B 52 7.99 -33.54 -25.27
CA ALA B 52 8.44 -34.91 -25.48
C ALA B 52 9.69 -35.10 -24.62
N TRP B 53 9.51 -35.67 -23.42
CA TRP B 53 10.55 -35.89 -22.42
C TRP B 53 11.77 -36.70 -22.87
N ASP B 54 11.59 -37.55 -23.90
CA ASP B 54 12.66 -38.39 -24.48
C ASP B 54 13.00 -37.95 -25.92
N ASN B 55 12.50 -36.76 -26.32
CA ASN B 55 12.67 -36.18 -27.65
C ASN B 55 12.04 -36.98 -28.81
N ALA B 56 11.22 -37.99 -28.47
CA ALA B 56 10.51 -38.85 -29.41
C ALA B 56 9.00 -38.73 -29.16
N GLY B 57 8.39 -39.78 -28.61
CA GLY B 57 6.95 -39.80 -28.35
C GLY B 57 6.53 -39.83 -26.90
N PHE B 58 7.49 -39.70 -25.96
CA PHE B 58 7.14 -39.71 -24.54
C PHE B 58 6.59 -38.34 -24.13
N LYS B 59 5.30 -38.11 -24.46
CA LYS B 59 4.55 -36.88 -24.21
C LYS B 59 3.13 -37.16 -23.65
N GLY B 60 2.34 -36.10 -23.46
CA GLY B 60 0.99 -36.22 -22.93
C GLY B 60 0.94 -36.19 -21.42
N TYR B 61 2.10 -35.90 -20.78
CA TYR B 61 2.20 -35.75 -19.34
C TYR B 61 1.91 -34.31 -18.98
N GLY B 62 1.16 -34.11 -17.92
CA GLY B 62 0.85 -32.76 -17.49
C GLY B 62 0.19 -32.67 -16.15
N ILE B 63 -0.63 -31.64 -16.00
CA ILE B 63 -1.26 -31.27 -14.74
C ILE B 63 -2.76 -31.04 -14.96
N GLN B 64 -3.52 -30.96 -13.85
CA GLN B 64 -4.96 -30.70 -13.82
C GLN B 64 -5.35 -30.25 -12.43
N ILE B 65 -6.17 -29.19 -12.33
CA ILE B 65 -6.67 -28.71 -11.03
C ILE B 65 -7.68 -29.74 -10.49
N GLU B 66 -7.48 -30.19 -9.27
CA GLU B 66 -8.40 -31.11 -8.62
C GLU B 66 -9.28 -30.29 -7.71
N GLN B 67 -8.71 -29.31 -7.00
CA GLN B 67 -9.42 -28.43 -6.09
C GLN B 67 -8.79 -27.06 -6.05
N ILE B 68 -9.62 -26.01 -6.01
CA ILE B 68 -9.21 -24.63 -5.84
C ILE B 68 -9.67 -24.21 -4.46
N ARG B 69 -8.78 -23.53 -3.71
CA ARG B 69 -9.10 -23.01 -2.41
C ARG B 69 -8.81 -21.52 -2.44
N ILE B 70 -9.86 -20.71 -2.23
CA ILE B 70 -9.71 -19.26 -2.23
C ILE B 70 -9.87 -18.77 -0.80
N LEU B 71 -8.88 -18.01 -0.34
CA LEU B 71 -8.90 -17.45 1.01
C LEU B 71 -9.24 -15.97 0.91
N LYS B 72 -10.52 -15.66 1.16
CA LYS B 72 -11.11 -14.31 1.06
C LYS B 72 -10.52 -13.27 2.00
N SER B 73 -10.22 -13.67 3.23
CA SER B 73 -9.70 -12.80 4.29
C SER B 73 -8.37 -13.32 4.89
N PRO B 74 -7.51 -12.45 5.50
CA PRO B 74 -6.26 -12.95 6.10
C PRO B 74 -6.50 -13.89 7.28
N GLN B 75 -5.47 -14.68 7.63
CA GLN B 75 -5.57 -15.61 8.74
C GLN B 75 -5.18 -14.93 10.04
N GLU B 76 -6.06 -15.01 11.06
CA GLU B 76 -5.84 -14.45 12.39
C GLU B 76 -4.81 -15.33 13.12
N VAL B 77 -3.71 -14.72 13.59
CA VAL B 77 -2.64 -15.45 14.29
C VAL B 77 -2.39 -14.98 15.72
N LYS B 78 -2.18 -15.95 16.64
CA LYS B 78 -1.84 -15.64 18.03
C LYS B 78 -0.39 -15.11 18.02
N PRO B 79 -0.04 -14.02 18.76
CA PRO B 79 1.35 -13.52 18.71
C PRO B 79 2.41 -14.60 18.87
N GLY B 80 3.40 -14.57 17.98
CA GLY B 80 4.46 -15.57 17.89
C GLY B 80 4.14 -16.57 16.80
N GLU B 81 2.91 -17.13 16.84
CA GLU B 81 2.39 -18.08 15.85
C GLU B 81 2.30 -17.39 14.48
N LYS B 82 2.67 -18.11 13.41
CA LYS B 82 2.59 -17.61 12.04
C LYS B 82 1.81 -18.54 11.12
N HIS B 83 1.30 -18.01 10.00
CA HIS B 83 0.51 -18.73 9.00
C HIS B 83 0.83 -18.13 7.65
N TYR B 84 0.79 -18.94 6.56
CA TYR B 84 1.10 -18.41 5.21
C TYR B 84 0.12 -17.32 4.75
N ASN B 85 -1.17 -17.46 5.14
CA ASN B 85 -2.25 -16.52 4.81
C ASN B 85 -2.38 -15.33 5.80
N MET B 86 -1.47 -15.20 6.78
CA MET B 86 -1.53 -14.08 7.74
C MET B 86 -1.34 -12.70 7.06
N ALA B 87 -1.83 -11.62 7.70
CA ALA B 87 -1.76 -10.26 7.15
C ALA B 87 -0.35 -9.70 7.03
N LYS B 88 0.48 -9.92 8.06
CA LYS B 88 1.86 -9.43 8.08
C LYS B 88 2.81 -10.41 7.38
N SER B 89 3.97 -9.91 6.91
CA SER B 89 4.96 -10.77 6.26
C SER B 89 6.11 -11.12 7.23
N TYR B 90 6.58 -12.38 7.18
CA TYR B 90 7.64 -12.91 8.06
C TYR B 90 8.97 -13.13 7.29
N PRO B 91 10.16 -12.77 7.83
CA PRO B 91 10.46 -12.20 9.16
C PRO B 91 10.19 -10.72 9.38
N ASN B 92 10.33 -9.88 8.34
CA ASN B 92 10.14 -8.44 8.47
C ASN B 92 8.72 -7.95 8.16
N GLU B 93 8.04 -7.43 9.22
CA GLU B 93 6.69 -6.88 9.18
C GLU B 93 6.61 -5.66 8.24
N GLU B 94 7.71 -4.89 8.13
CA GLU B 94 7.83 -3.69 7.30
C GLU B 94 7.89 -3.99 5.81
N LYS B 95 8.56 -5.10 5.43
CA LYS B 95 8.70 -5.53 4.03
C LYS B 95 7.35 -5.99 3.45
N ASP B 96 7.18 -5.81 2.13
CA ASP B 96 5.97 -6.24 1.43
C ASP B 96 5.83 -7.76 1.41
N ALA B 97 6.98 -8.46 1.28
CA ALA B 97 7.02 -9.91 1.14
C ALA B 97 7.77 -10.64 2.22
N TRP B 98 7.41 -11.91 2.41
CA TRP B 98 8.09 -12.88 3.28
C TRP B 98 9.45 -13.18 2.69
N ASP B 99 10.28 -13.92 3.45
CA ASP B 99 11.49 -14.53 2.95
C ASP B 99 10.84 -15.73 2.20
N VAL B 100 11.10 -15.87 0.90
CA VAL B 100 10.45 -16.91 0.08
C VAL B 100 10.63 -18.35 0.63
N LYS B 101 11.85 -18.69 1.12
CA LYS B 101 12.12 -20.01 1.69
C LYS B 101 11.25 -20.27 2.92
N MET B 102 11.17 -19.28 3.81
CA MET B 102 10.34 -19.34 5.02
C MET B 102 8.84 -19.46 4.70
N LEU B 103 8.37 -18.71 3.66
CA LEU B 103 6.98 -18.78 3.20
C LEU B 103 6.60 -20.18 2.66
N LEU B 104 7.45 -20.77 1.79
CA LEU B 104 7.15 -22.10 1.24
C LEU B 104 7.09 -23.19 2.35
N GLU B 105 8.00 -23.10 3.33
CA GLU B 105 8.03 -24.04 4.46
C GLU B 105 6.74 -23.84 5.29
N GLN B 106 6.35 -22.55 5.52
CA GLN B 106 5.10 -22.18 6.22
C GLN B 106 3.86 -22.71 5.52
N PHE B 107 3.78 -22.56 4.16
CA PHE B 107 2.68 -23.09 3.35
C PHE B 107 2.59 -24.61 3.46
N SER B 108 3.75 -25.30 3.34
CA SER B 108 3.83 -26.77 3.43
C SER B 108 3.32 -27.27 4.78
N PHE B 109 3.64 -26.54 5.88
CA PHE B 109 3.19 -26.85 7.23
C PHE B 109 1.64 -26.72 7.33
N ASP B 110 1.12 -25.53 7.00
CA ASP B 110 -0.33 -25.23 7.08
C ASP B 110 -1.25 -26.09 6.21
N ILE B 111 -0.81 -26.42 4.99
CA ILE B 111 -1.59 -27.21 4.03
C ILE B 111 -1.30 -28.71 4.06
N ALA B 112 -0.51 -29.18 5.05
CA ALA B 112 -0.10 -30.59 5.19
C ALA B 112 -1.20 -31.63 5.02
N GLU B 113 -2.34 -31.48 5.76
CA GLU B 113 -3.46 -32.42 5.69
C GLU B 113 -4.02 -32.50 4.27
N GLU B 114 -4.20 -31.32 3.62
CA GLU B 114 -4.66 -31.26 2.22
C GLU B 114 -3.61 -31.79 1.24
N ALA B 115 -2.31 -31.38 1.41
CA ALA B 115 -1.18 -31.79 0.59
C ALA B 115 -0.98 -33.30 0.54
N SER B 116 -1.29 -34.02 1.65
CA SER B 116 -1.15 -35.48 1.70
C SER B 116 -2.00 -36.24 0.68
N LYS B 117 -3.11 -35.63 0.21
CA LYS B 117 -4.07 -36.25 -0.70
C LYS B 117 -3.89 -35.98 -2.22
N VAL B 118 -3.05 -34.98 -2.58
CA VAL B 118 -2.80 -34.58 -3.98
C VAL B 118 -1.35 -34.78 -4.44
N CYS B 119 -1.14 -34.86 -5.78
CA CYS B 119 0.18 -34.98 -6.39
C CYS B 119 1.05 -33.75 -6.02
N LEU B 120 0.47 -32.52 -6.14
CA LEU B 120 1.13 -31.26 -5.76
C LEU B 120 0.15 -30.25 -5.22
N ALA B 121 0.63 -29.39 -4.31
CA ALA B 121 -0.10 -28.26 -3.76
C ALA B 121 0.65 -27.01 -4.27
N HIS B 122 -0.06 -26.05 -4.90
CA HIS B 122 0.59 -24.83 -5.39
C HIS B 122 -0.10 -23.61 -4.80
N LEU B 123 0.70 -22.73 -4.19
CA LEU B 123 0.24 -21.47 -3.63
C LEU B 123 0.42 -20.30 -4.63
N PHE B 124 -0.67 -19.54 -4.88
CA PHE B 124 -0.62 -18.33 -5.70
C PHE B 124 -0.76 -17.13 -4.78
N THR B 125 0.26 -16.27 -4.78
CA THR B 125 0.31 -15.09 -3.93
C THR B 125 0.60 -13.81 -4.73
N TYR B 126 0.72 -12.68 -4.03
CA TYR B 126 1.03 -11.38 -4.59
C TYR B 126 1.98 -10.65 -3.62
N GLN B 127 3.29 -10.95 -3.71
CA GLN B 127 4.33 -10.39 -2.83
C GLN B 127 5.58 -10.13 -3.64
N ASP B 128 6.26 -9.02 -3.36
CA ASP B 128 7.45 -8.64 -4.10
C ASP B 128 8.72 -9.16 -3.40
N PHE B 129 9.07 -10.44 -3.65
CA PHE B 129 10.27 -11.07 -3.08
C PHE B 129 11.53 -10.36 -3.53
N ASP B 130 12.56 -10.34 -2.67
CA ASP B 130 13.82 -9.67 -2.99
C ASP B 130 14.58 -10.32 -4.15
N MET B 131 15.46 -9.54 -4.80
CA MET B 131 16.37 -9.95 -5.89
C MET B 131 15.68 -10.56 -7.14
N GLY B 132 14.48 -10.09 -7.45
CA GLY B 132 13.72 -10.57 -8.60
C GLY B 132 13.17 -11.98 -8.52
N THR B 133 13.13 -12.59 -7.31
CA THR B 133 12.56 -13.93 -7.10
C THR B 133 11.05 -13.87 -7.36
N LEU B 134 10.49 -14.84 -8.11
CA LEU B 134 9.06 -14.87 -8.42
C LEU B 134 8.36 -16.11 -7.86
N GLY B 135 9.15 -17.08 -7.42
CA GLY B 135 8.58 -18.28 -6.85
C GLY B 135 9.60 -19.19 -6.22
N LEU B 136 9.12 -20.33 -5.75
CA LEU B 136 9.96 -21.36 -5.12
C LEU B 136 9.18 -22.64 -5.10
N ALA B 137 9.90 -23.78 -5.25
CA ALA B 137 9.30 -25.11 -5.24
C ALA B 137 10.35 -26.16 -4.85
N TYR B 138 9.91 -27.24 -4.20
CA TYR B 138 10.80 -28.33 -3.81
C TYR B 138 10.95 -29.35 -4.94
N GLY B 139 12.07 -30.05 -4.96
CA GLY B 139 12.29 -31.12 -5.92
C GLY B 139 13.54 -30.98 -6.75
N GLY B 140 14.08 -29.77 -6.80
CA GLY B 140 15.29 -29.46 -7.55
C GLY B 140 16.41 -28.83 -6.75
N SER B 141 16.35 -28.89 -5.40
CA SER B 141 17.39 -28.30 -4.52
C SER B 141 17.80 -29.22 -3.37
N PRO B 142 19.11 -29.38 -3.03
CA PRO B 142 20.30 -28.72 -3.63
C PRO B 142 20.71 -29.20 -5.04
N ARG B 143 20.15 -30.33 -5.50
CA ARG B 143 20.42 -30.91 -6.82
C ARG B 143 19.12 -31.41 -7.45
N ALA B 144 19.15 -31.74 -8.77
CA ALA B 144 17.98 -32.29 -9.47
C ALA B 144 17.54 -33.60 -8.79
N ASN B 145 16.22 -33.88 -8.84
CA ASN B 145 15.57 -35.08 -8.28
C ASN B 145 15.78 -35.27 -6.76
N SER B 146 15.85 -34.14 -6.00
CA SER B 146 16.06 -34.17 -4.55
C SER B 146 14.74 -34.40 -3.78
N HIS B 147 14.80 -34.37 -2.42
CA HIS B 147 13.67 -34.51 -1.51
C HIS B 147 12.57 -33.49 -1.92
N GLY B 148 11.36 -34.00 -2.07
CA GLY B 148 10.23 -33.16 -2.45
C GLY B 148 9.79 -33.29 -3.89
N GLY B 149 8.89 -32.40 -4.30
CA GLY B 149 8.35 -32.43 -5.64
C GLY B 149 7.14 -33.34 -5.69
N VAL B 150 6.77 -33.80 -6.89
CA VAL B 150 5.59 -34.63 -7.17
C VAL B 150 5.45 -35.83 -6.22
N CYS B 151 4.20 -36.08 -5.80
CA CYS B 151 3.77 -37.21 -4.95
C CYS B 151 4.06 -36.97 -3.47
N PRO B 152 3.00 -36.94 -2.63
CA PRO B 152 3.21 -36.67 -1.19
C PRO B 152 4.01 -37.77 -0.52
N LYS B 153 4.93 -37.36 0.35
CA LYS B 153 5.79 -38.26 1.12
C LYS B 153 6.02 -37.53 2.41
N ALA B 154 5.68 -38.16 3.55
CA ALA B 154 5.81 -37.48 4.82
C ALA B 154 7.26 -37.29 5.20
N TYR B 155 7.53 -36.11 5.77
CA TYR B 155 8.79 -35.68 6.36
C TYR B 155 8.38 -35.11 7.72
N TYR B 156 8.91 -35.71 8.80
CA TYR B 156 8.59 -35.22 10.14
C TYR B 156 9.32 -33.92 10.40
N SER B 157 8.56 -32.89 10.80
CA SER B 157 9.07 -31.58 11.16
C SER B 157 9.15 -31.58 12.70
N PRO B 158 10.35 -31.81 13.30
CA PRO B 158 10.43 -31.83 14.78
C PRO B 158 9.83 -30.61 15.47
N VAL B 159 10.12 -29.39 14.97
CA VAL B 159 9.59 -28.14 15.52
C VAL B 159 8.05 -28.02 15.33
N GLY B 160 7.56 -28.51 14.19
CA GLY B 160 6.14 -28.51 13.87
C GLY B 160 5.35 -29.60 14.59
N LYS B 161 6.07 -30.56 15.22
CA LYS B 161 5.54 -31.70 15.98
C LYS B 161 4.53 -32.54 15.18
N LYS B 162 4.69 -32.56 13.84
CA LYS B 162 3.83 -33.29 12.91
C LYS B 162 4.52 -33.54 11.58
N ASN B 163 3.96 -34.46 10.78
CA ASN B 163 4.45 -34.74 9.45
C ASN B 163 4.03 -33.61 8.49
N ILE B 164 4.93 -33.25 7.58
CA ILE B 164 4.67 -32.25 6.55
C ILE B 164 5.01 -32.89 5.20
N TYR B 165 4.66 -32.21 4.10
CA TYR B 165 4.92 -32.75 2.77
C TYR B 165 5.66 -31.71 1.93
N LEU B 166 6.54 -32.18 1.05
CA LEU B 166 7.38 -31.30 0.23
C LEU B 166 6.96 -31.31 -1.24
N ASN B 167 5.70 -31.72 -1.50
CA ASN B 167 5.06 -31.75 -2.83
C ASN B 167 4.37 -30.38 -3.04
N SER B 168 5.14 -29.31 -2.81
CA SER B 168 4.64 -27.96 -2.84
C SER B 168 5.49 -26.95 -3.61
N GLY B 169 4.86 -25.84 -3.94
CA GLY B 169 5.48 -24.76 -4.69
C GLY B 169 4.63 -23.52 -4.63
N LEU B 170 5.23 -22.36 -4.94
CA LEU B 170 4.50 -21.09 -4.93
C LEU B 170 4.85 -20.23 -6.11
N THR B 171 3.87 -19.44 -6.58
CA THR B 171 4.01 -18.46 -7.65
C THR B 171 3.53 -17.11 -7.13
N SER B 172 4.34 -16.05 -7.30
CA SER B 172 3.89 -14.69 -6.99
C SER B 172 3.72 -13.95 -8.31
N THR B 173 2.68 -13.10 -8.41
CA THR B 173 2.43 -12.29 -9.62
C THR B 173 2.78 -10.81 -9.41
N LYS B 174 3.63 -10.54 -8.41
CA LYS B 174 4.17 -9.21 -8.13
C LYS B 174 5.68 -9.24 -8.20
N ASN B 175 6.26 -8.26 -8.90
CA ASN B 175 7.69 -8.10 -9.04
C ASN B 175 8.00 -6.63 -9.31
N TYR B 176 9.04 -6.10 -8.63
CA TYR B 176 9.47 -4.70 -8.73
C TYR B 176 8.34 -3.66 -8.60
N GLY B 177 7.47 -3.88 -7.62
CA GLY B 177 6.35 -3.02 -7.26
C GLY B 177 5.13 -3.03 -8.15
N LYS B 178 5.12 -3.90 -9.17
CA LYS B 178 4.00 -3.99 -10.12
C LYS B 178 3.52 -5.42 -10.35
N THR B 179 2.30 -5.55 -10.88
CA THR B 179 1.70 -6.83 -11.27
C THR B 179 2.44 -7.29 -12.52
N ILE B 180 2.86 -8.57 -12.56
CA ILE B 180 3.57 -9.08 -13.73
C ILE B 180 2.57 -9.39 -14.83
N LEU B 181 3.04 -9.50 -16.07
CA LEU B 181 2.18 -9.84 -17.20
C LEU B 181 1.66 -11.28 -17.05
N THR B 182 0.47 -11.57 -17.60
CA THR B 182 -0.12 -12.93 -17.61
C THR B 182 0.89 -13.93 -18.23
N LYS B 183 1.53 -13.55 -19.36
CA LYS B 183 2.52 -14.40 -20.02
C LYS B 183 3.71 -14.71 -19.07
N GLU B 184 4.07 -13.76 -18.19
CA GLU B 184 5.16 -13.94 -17.21
C GLU B 184 4.73 -14.87 -16.09
N ALA B 185 3.48 -14.71 -15.58
CA ALA B 185 2.89 -15.60 -14.56
C ALA B 185 2.90 -17.04 -15.07
N ASP B 186 2.54 -17.26 -16.38
CA ASP B 186 2.55 -18.65 -16.91
C ASP B 186 3.96 -19.23 -16.82
N LEU B 187 4.99 -18.39 -17.10
CA LEU B 187 6.38 -18.84 -17.07
C LEU B 187 6.85 -19.18 -15.66
N VAL B 188 6.40 -18.39 -14.65
CA VAL B 188 6.79 -18.61 -13.25
C VAL B 188 6.27 -19.95 -12.79
N THR B 189 4.98 -20.20 -13.06
CA THR B 189 4.32 -21.47 -12.70
C THR B 189 4.94 -22.66 -13.43
N THR B 190 5.26 -22.51 -14.73
CA THR B 190 5.91 -23.56 -15.51
C THR B 190 7.23 -23.92 -14.83
N HIS B 191 8.07 -22.89 -14.52
CA HIS B 191 9.37 -23.03 -13.85
C HIS B 191 9.24 -23.72 -12.46
N GLU B 192 8.34 -23.24 -11.60
CA GLU B 192 8.16 -23.79 -10.26
C GLU B 192 7.66 -25.23 -10.28
N LEU B 193 6.66 -25.52 -11.13
CA LEU B 193 6.21 -26.91 -11.30
C LEU B 193 7.35 -27.75 -11.92
N GLY B 194 8.23 -27.13 -12.73
CA GLY B 194 9.39 -27.80 -13.33
C GLY B 194 10.29 -28.35 -12.24
N HIS B 195 10.56 -27.53 -11.19
CA HIS B 195 11.32 -27.93 -9.99
C HIS B 195 10.59 -29.11 -9.31
N ASN B 196 9.24 -29.03 -9.19
CA ASN B 196 8.45 -30.11 -8.58
C ASN B 196 8.56 -31.41 -9.40
N PHE B 197 8.67 -31.29 -10.72
CA PHE B 197 8.82 -32.42 -11.66
C PHE B 197 10.29 -32.97 -11.72
N GLY B 198 11.18 -32.42 -10.89
CA GLY B 198 12.58 -32.87 -10.76
C GLY B 198 13.67 -31.98 -11.35
N ALA B 199 13.31 -31.00 -12.21
CA ALA B 199 14.28 -30.15 -12.87
C ALA B 199 15.03 -29.21 -11.95
N GLU B 200 16.34 -29.09 -12.16
CA GLU B 200 17.14 -28.11 -11.45
C GLU B 200 17.33 -26.96 -12.46
N HIS B 201 18.02 -25.88 -12.09
CA HIS B 201 18.18 -24.81 -13.05
C HIS B 201 19.04 -25.17 -14.24
N ASP B 202 18.80 -24.50 -15.37
CA ASP B 202 19.64 -24.65 -16.54
C ASP B 202 20.96 -23.92 -16.21
N PRO B 203 22.10 -24.22 -16.89
CA PRO B 203 23.34 -23.44 -16.62
C PRO B 203 23.18 -21.97 -17.01
N ASP B 204 23.86 -21.05 -16.31
CA ASP B 204 23.83 -19.64 -16.63
C ASP B 204 24.73 -19.38 -17.87
N GLY B 205 24.48 -18.28 -18.56
CA GLY B 205 25.27 -17.89 -19.72
C GLY B 205 24.86 -18.58 -21.00
N LEU B 206 25.86 -19.16 -21.69
CA LEU B 206 25.63 -19.85 -22.95
C LEU B 206 26.06 -21.29 -22.82
N ALA B 207 25.15 -22.19 -23.22
CA ALA B 207 25.33 -23.64 -23.21
C ALA B 207 24.24 -24.25 -24.09
N GLU B 208 24.28 -25.58 -24.32
CA GLU B 208 23.24 -26.29 -25.08
C GLU B 208 21.85 -26.02 -24.43
N CYS B 209 21.83 -25.99 -23.08
CA CYS B 209 20.63 -25.77 -22.26
C CYS B 209 20.35 -24.31 -21.90
N ALA B 210 21.04 -23.36 -22.56
CA ALA B 210 20.85 -21.92 -22.39
C ALA B 210 21.30 -21.22 -23.69
N PRO B 211 20.52 -21.39 -24.81
CA PRO B 211 20.94 -20.82 -26.10
C PRO B 211 20.97 -19.31 -26.14
N ASN B 212 21.62 -18.76 -27.19
CA ASN B 212 21.72 -17.32 -27.44
C ASN B 212 20.34 -16.81 -27.95
N GLU B 213 20.13 -15.48 -27.96
CA GLU B 213 18.87 -14.85 -28.38
C GLU B 213 18.46 -15.23 -29.82
N ASP B 214 19.46 -15.35 -30.72
CA ASP B 214 19.32 -15.71 -32.13
C ASP B 214 18.75 -17.12 -32.26
N GLN B 215 19.07 -18.03 -31.32
CA GLN B 215 18.57 -19.40 -31.38
C GLN B 215 17.26 -19.65 -30.59
N GLY B 216 16.62 -18.57 -30.12
CA GLY B 216 15.35 -18.63 -29.39
C GLY B 216 15.39 -18.15 -27.95
N GLY B 217 16.60 -17.86 -27.45
CA GLY B 217 16.81 -17.42 -26.09
C GLY B 217 16.83 -18.54 -25.07
N LYS B 218 16.71 -18.18 -23.81
CA LYS B 218 16.78 -19.12 -22.70
C LYS B 218 15.55 -20.04 -22.59
N TYR B 219 15.72 -21.21 -21.96
CA TYR B 219 14.62 -22.15 -21.67
C TYR B 219 14.04 -21.79 -20.31
N VAL B 220 12.83 -22.31 -20.03
CA VAL B 220 12.06 -21.97 -18.82
C VAL B 220 12.78 -22.14 -17.46
N MET B 221 13.64 -23.16 -17.34
CA MET B 221 14.37 -23.45 -16.11
C MET B 221 15.62 -22.60 -15.92
N TYR B 222 15.78 -21.54 -16.75
CA TYR B 222 16.88 -20.59 -16.55
C TYR B 222 16.75 -20.02 -15.11
N PRO B 223 17.87 -19.88 -14.33
CA PRO B 223 17.74 -19.50 -12.92
C PRO B 223 17.07 -18.18 -12.59
N ILE B 224 17.19 -17.19 -13.47
CA ILE B 224 16.61 -15.85 -13.27
C ILE B 224 15.63 -15.55 -14.43
N ALA B 225 14.55 -14.84 -14.11
CA ALA B 225 13.50 -14.47 -15.07
C ALA B 225 13.99 -13.27 -15.87
N VAL B 226 14.97 -13.51 -16.74
CA VAL B 226 15.68 -12.48 -17.51
C VAL B 226 14.98 -11.97 -18.78
N SER B 227 14.16 -12.81 -19.44
CA SER B 227 13.51 -12.46 -20.71
C SER B 227 11.97 -12.44 -20.58
N GLY B 228 11.31 -13.47 -21.09
CA GLY B 228 9.85 -13.61 -21.06
C GLY B 228 9.21 -13.38 -22.41
N ASP B 229 9.97 -12.81 -23.38
CA ASP B 229 9.52 -12.46 -24.73
C ASP B 229 10.18 -13.23 -25.90
N HIS B 230 10.96 -14.26 -25.60
CA HIS B 230 11.65 -15.09 -26.59
C HIS B 230 11.06 -16.47 -26.63
N GLU B 231 11.13 -17.09 -27.81
CA GLU B 231 10.54 -18.37 -28.15
C GLU B 231 10.82 -19.52 -27.16
N ASN B 232 12.09 -19.72 -26.75
CA ASN B 232 12.44 -20.85 -25.88
C ASN B 232 11.97 -20.69 -24.45
N ASN B 233 11.71 -19.45 -24.03
CA ASN B 233 11.33 -19.09 -22.67
C ASN B 233 10.20 -19.94 -22.10
N LYS B 234 9.26 -20.39 -22.96
CA LYS B 234 8.14 -21.21 -22.51
C LYS B 234 8.40 -22.71 -22.55
N MET B 235 9.56 -23.12 -23.10
CA MET B 235 9.93 -24.53 -23.29
C MET B 235 10.99 -25.05 -22.32
N PHE B 236 11.05 -26.37 -22.19
CA PHE B 236 12.05 -27.03 -21.34
C PHE B 236 13.29 -27.36 -22.15
N SER B 237 14.49 -27.15 -21.57
CA SER B 237 15.78 -27.50 -22.19
C SER B 237 15.94 -29.02 -22.19
N GLN B 238 17.00 -29.54 -22.88
CA GLN B 238 17.34 -30.96 -22.85
C GLN B 238 17.75 -31.37 -21.43
N CYS B 239 18.37 -30.46 -20.67
CA CYS B 239 18.80 -30.68 -19.27
C CYS B 239 17.56 -30.91 -18.40
N SER B 240 16.52 -30.03 -18.54
CA SER B 240 15.27 -30.15 -17.80
C SER B 240 14.56 -31.46 -18.15
N LYS B 241 14.49 -31.76 -19.46
CA LYS B 241 13.87 -32.98 -20.01
C LYS B 241 14.49 -34.24 -19.43
N GLN B 242 15.85 -34.30 -19.40
CA GLN B 242 16.57 -35.46 -18.86
C GLN B 242 16.19 -35.74 -17.41
N SER B 243 16.14 -34.69 -16.55
CA SER B 243 15.78 -34.81 -15.12
C SER B 243 14.29 -35.16 -14.93
N ILE B 244 13.39 -34.49 -15.68
CA ILE B 244 11.94 -34.72 -15.57
C ILE B 244 11.56 -36.14 -16.05
N TYR B 245 12.19 -36.62 -17.15
CA TYR B 245 11.98 -37.98 -17.68
C TYR B 245 12.20 -39.02 -16.57
N LYS B 246 13.30 -38.87 -15.80
CA LYS B 246 13.66 -39.75 -14.70
C LYS B 246 12.60 -39.71 -13.61
N THR B 247 12.13 -38.48 -13.22
CA THR B 247 11.08 -38.33 -12.22
C THR B 247 9.80 -39.04 -12.69
N ILE B 248 9.33 -38.75 -13.93
CA ILE B 248 8.11 -39.31 -14.50
C ILE B 248 8.19 -40.83 -14.53
N GLU B 249 9.29 -41.39 -15.10
CA GLU B 249 9.53 -42.83 -15.21
C GLU B 249 9.42 -43.56 -13.86
N SER B 250 9.79 -42.88 -12.75
CA SER B 250 9.74 -43.48 -11.41
C SER B 250 8.57 -43.07 -10.51
N LYS B 251 7.88 -41.94 -10.81
CA LYS B 251 6.80 -41.43 -9.95
C LYS B 251 5.38 -41.43 -10.56
N ALA B 252 5.26 -41.64 -11.89
CA ALA B 252 3.96 -41.67 -12.56
C ALA B 252 3.06 -42.80 -12.02
N GLN B 253 3.64 -43.98 -11.70
CA GLN B 253 2.89 -45.09 -11.14
C GLN B 253 2.51 -44.80 -9.69
N GLU B 254 3.38 -44.08 -8.97
CA GLU B 254 3.19 -43.73 -7.56
C GLU B 254 2.00 -42.80 -7.26
N CYS B 255 1.82 -41.71 -8.06
CA CYS B 255 0.73 -40.76 -7.76
C CYS B 255 0.05 -40.10 -8.96
N PHE B 256 0.55 -40.31 -10.19
CA PHE B 256 -0.11 -39.69 -11.35
C PHE B 256 -1.39 -40.48 -11.65
N GLN B 257 -2.42 -39.78 -12.12
CA GLN B 257 -3.72 -40.37 -12.40
C GLN B 257 -4.08 -40.12 -13.86
N GLU B 258 -5.26 -40.61 -14.28
CA GLU B 258 -5.82 -40.37 -15.61
C GLU B 258 -6.48 -38.99 -15.54
N ARG B 259 -6.73 -38.36 -16.70
CA ARG B 259 -7.39 -37.06 -16.76
C ARG B 259 -8.82 -37.13 -16.22
ZN ZN C . 4.37 24.60 9.64
N1 50X D . 4.48 27.37 12.87
C2 50X D . 5.42 27.03 13.92
C3 50X D . 5.24 28.10 15.02
C4 50X D . 4.49 29.27 14.35
C5 50X D . 3.89 28.77 12.99
C6 50X D . 3.43 28.95 0.53
C7 50X D . 4.27 29.69 -0.37
C8 50X D . 3.89 31.02 -0.77
C9 50X D . 2.65 31.57 -0.27
C10 50X D . 1.79 30.82 0.60
C11 50X D . 2.20 29.52 1.01
N12 50X D . 4.12 27.72 0.69
C13 50X D . 5.29 27.81 -0.06
N14 50X D . 5.38 28.98 -0.69
C15 50X D . 3.57 28.04 5.15
S16 50X D . 2.52 27.59 3.82
C17 50X D . 3.86 26.90 2.97
C18 50X D . 5.07 27.17 3.66
C19 50X D . 4.90 27.69 4.98
C20 50X D . 4.18 26.37 11.91
C21 50X D . 3.28 26.91 10.72
C22 50X D . 4.24 27.64 9.86
C23 50X D . 3.66 28.52 8.77
O24 50X D . 3.16 29.62 8.99
N25 50X D . 3.67 27.96 7.51
O26 50X D . 2.64 25.81 10.12
C27 50X D . 2.94 28.50 6.39
O28 50X D . 5.17 26.62 9.40
O29 50X D . 4.54 25.11 12.02
C30 50X D . 3.73 26.55 1.51
C31 50X D . 6.34 26.71 -0.17
F32 50X D . 7.43 27.22 -0.77
F33 50X D . 6.77 26.19 1.07
F34 50X D . 5.88 25.71 -1.04
C35 50X D . 6.83 26.93 13.36
C36 50X D . 7.31 27.82 12.36
C37 50X D . 8.64 27.68 11.88
C38 50X D . 9.49 26.66 12.36
C39 50X D . 8.99 25.78 13.37
C40 50X D . 7.68 25.89 13.87
CL41 50X D . 9.19 28.79 10.68
ZN ZN E . 14.03 -21.90 -9.78
N1 50X F . 14.96 -19.94 -6.00
C2 50X F . 16.19 -20.48 -5.38
C3 50X F . 16.23 -19.85 -4.00
C4 50X F . 15.27 -18.66 -4.06
C5 50X F . 14.46 -18.75 -5.34
C6 50X F . 10.44 -15.71 -16.90
C7 50X F . 10.98 -14.59 -17.59
C8 50X F . 10.40 -13.32 -17.41
C9 50X F . 9.28 -13.17 -16.52
C10 50X F . 8.72 -14.33 -15.87
C11 50X F . 9.35 -15.58 -16.05
N12 50X F . 11.29 -16.79 -17.30
C13 50X F . 12.24 -16.29 -18.19
N14 50X F . 12.08 -14.99 -18.36
C15 50X F . 11.81 -17.92 -12.88
S16 50X F . 10.55 -18.16 -14.04
C17 50X F . 11.66 -18.18 -15.36
C18 50X F . 12.98 -18.11 -14.89
C19 50X F . 13.06 -18.09 -13.46
C20 50X F . 14.46 -20.58 -7.05
C21 50X F . 13.22 -19.90 -7.81
C22 50X F . 13.85 -18.86 -8.70
C23 50X F . 12.78 -18.03 -9.41
O24 50X F . 12.27 -17.10 -8.81
N25 50X F . 12.39 -18.55 -10.63
O26 50X F . 12.62 -20.94 -8.63
C27 50X F . 11.39 -17.88 -11.45
O28 50X F . 14.61 -19.60 -9.68
O29 50X F . 14.93 -21.69 -7.43
C30 50X F . 11.20 -18.21 -16.80
C31 50X F . 13.31 -17.14 -18.81
F32 50X F . 14.22 -16.50 -19.60
F33 50X F . 14.04 -17.86 -17.91
F34 50X F . 12.79 -18.04 -19.67
C35 50X F . 17.43 -20.26 -6.25
C36 50X F . 17.56 -19.12 -7.08
C37 50X F . 18.73 -18.98 -7.85
C38 50X F . 19.76 -19.93 -7.82
C39 50X F . 19.64 -21.06 -6.98
C40 50X F . 18.48 -21.21 -6.21
CL41 50X F . 18.88 -17.61 -8.82
#